data_4ZNB
#
_entry.id   4ZNB
#
_cell.length_a   78.000
_cell.length_b   78.000
_cell.length_c   139.800
_cell.angle_alpha   90.00
_cell.angle_beta   90.00
_cell.angle_gamma   90.00
#
_symmetry.space_group_name_H-M   'P 43 21 2'
#
loop_
_entity.id
_entity.type
_entity.pdbx_description
1 polymer METALLO-BETA-LACTAMASE
2 non-polymer 'ZINC ION'
3 non-polymer 'SODIUM ION'
4 water water
#
_entity_poly.entity_id   1
_entity_poly.type   'polypeptide(L)'
_entity_poly.pdbx_seq_one_letter_code
;AQKSVKISDDISITQLSDKVYTYVSLAEIEGWGMVPSNGMIVINNHQAALLDTPINDAQTETLVNWVADSLHAKVTTFIP
NHWHGDCIGGLGYLQKKGVQSYANQMTIDLAKEKGLPVPEHGFTDSLTVSLDGMPLQCYYLGGGHATDNIVVWLPTENIL
FGGSMLKDNQATSIGNISDADVTAWPKTLDKVKAKFPSARYVVPGHGDYGGTELIEHTKQIVNQYIESTSKP
;
_entity_poly.pdbx_strand_id   A,B
#
loop_
_chem_comp.id
_chem_comp.type
_chem_comp.name
_chem_comp.formula
NA non-polymer 'SODIUM ION' 'Na 1'
ZN non-polymer 'ZINC ION' 'Zn 2'
#
# COMPACT_ATOMS: atom_id res chain seq x y z
N SER A 4 7.56 13.92 11.44
CA SER A 4 8.52 14.21 10.36
C SER A 4 8.54 15.67 9.88
N VAL A 5 9.76 16.15 9.61
CA VAL A 5 9.99 17.51 9.13
C VAL A 5 10.23 17.40 7.63
N LYS A 6 9.28 17.86 6.84
CA LYS A 6 9.42 17.80 5.38
C LYS A 6 10.31 18.91 4.85
N ILE A 7 11.12 18.58 3.86
CA ILE A 7 12.00 19.56 3.24
C ILE A 7 11.96 19.39 1.72
N SER A 8 12.83 20.12 1.04
CA SER A 8 12.92 20.06 -0.41
C SER A 8 13.32 18.67 -0.93
N ASP A 9 13.13 18.45 -2.23
CA ASP A 9 13.46 17.21 -2.93
C ASP A 9 12.72 15.92 -2.52
N ASP A 10 11.49 16.05 -2.04
CA ASP A 10 10.71 14.88 -1.59
C ASP A 10 11.36 14.14 -0.41
N ILE A 11 11.96 14.90 0.52
CA ILE A 11 12.64 14.32 1.68
C ILE A 11 12.03 14.80 2.99
N SER A 12 12.00 13.92 3.99
CA SER A 12 11.48 14.27 5.33
C SER A 12 12.40 13.66 6.39
N ILE A 13 12.52 14.29 7.56
CA ILE A 13 13.40 13.78 8.62
C ILE A 13 12.68 13.65 9.97
N THR A 14 12.85 12.51 10.61
CA THR A 14 12.19 12.27 11.88
C THR A 14 13.18 11.93 12.98
N GLN A 15 13.12 12.71 14.05
CA GLN A 15 14.05 12.53 15.17
C GLN A 15 13.66 11.41 16.09
N LEU A 16 14.63 10.56 16.42
CA LEU A 16 14.39 9.43 17.30
C LEU A 16 15.08 9.66 18.63
N SER A 17 15.99 10.64 18.67
CA SER A 17 16.71 10.96 19.89
C SER A 17 17.47 12.25 19.67
N ASP A 18 18.18 12.70 20.70
CA ASP A 18 18.95 13.94 20.60
C ASP A 18 19.97 13.92 19.47
N LYS A 19 20.70 12.80 19.33
CA LYS A 19 21.74 12.68 18.33
C LYS A 19 21.43 11.80 17.14
N VAL A 20 20.20 11.29 17.06
CA VAL A 20 19.84 10.39 15.98
C VAL A 20 18.58 10.84 15.27
N TYR A 21 18.64 10.83 13.95
CA TYR A 21 17.54 11.24 13.08
C TYR A 21 17.38 10.19 11.98
N THR A 22 16.15 10.03 11.48
CA THR A 22 15.87 9.07 10.42
C THR A 22 15.07 9.78 9.31
N TYR A 23 15.61 9.77 8.09
CA TYR A 23 14.98 10.43 6.94
C TYR A 23 14.34 9.47 5.93
N VAL A 24 13.36 9.99 5.18
CA VAL A 24 12.66 9.24 4.12
C VAL A 24 12.77 10.08 2.85
N SER A 25 13.48 9.59 1.85
CA SER A 25 13.62 10.31 0.59
C SER A 25 12.86 9.61 -0.55
N LEU A 26 11.71 10.16 -0.95
CA LEU A 26 10.89 9.60 -2.03
C LEU A 26 11.60 9.82 -3.35
N ALA A 27 11.57 8.81 -4.21
CA ALA A 27 12.25 8.87 -5.50
C ALA A 27 11.49 8.12 -6.57
N GLU A 28 11.56 8.62 -7.80
CA GLU A 28 10.88 8.02 -8.96
C GLU A 28 11.77 6.95 -9.63
N ILE A 29 11.25 5.72 -9.77
CA ILE A 29 12.04 4.64 -10.37
C ILE A 29 11.87 4.36 -11.87
N GLU A 30 11.02 3.39 -12.21
CA GLU A 30 10.78 3.03 -13.60
C GLU A 30 9.32 3.31 -13.97
N GLY A 33 7.05 4.44 -10.41
CA GLY A 33 6.95 4.20 -8.95
C GLY A 33 7.78 5.13 -8.09
N MET A 34 7.10 6.01 -7.33
CA MET A 34 7.76 6.95 -6.42
C MET A 34 8.10 6.23 -5.12
N VAL A 35 9.23 5.53 -5.17
CA VAL A 35 9.79 4.72 -4.10
C VAL A 35 10.39 5.49 -2.95
N PRO A 36 10.03 5.14 -1.70
CA PRO A 36 10.52 5.75 -0.46
C PRO A 36 11.78 5.02 0.12
N SER A 37 12.85 5.78 0.37
CA SER A 37 14.13 5.25 0.89
C SER A 37 14.55 5.88 2.20
N ASN A 38 14.98 5.03 3.14
CA ASN A 38 15.42 5.52 4.44
C ASN A 38 16.94 5.48 4.68
N GLY A 39 17.39 6.29 5.63
CA GLY A 39 18.79 6.33 6.02
C GLY A 39 18.82 6.96 7.40
N MET A 40 19.99 7.30 7.91
CA MET A 40 20.08 7.93 9.24
C MET A 40 20.95 9.18 9.19
N ILE A 41 20.92 9.95 10.29
CA ILE A 41 21.72 11.15 10.46
C ILE A 41 22.05 11.14 11.94
N VAL A 42 23.27 10.74 12.27
CA VAL A 42 23.75 10.67 13.64
C VAL A 42 24.68 11.87 13.84
N ILE A 43 24.45 12.65 14.91
CA ILE A 43 25.25 13.85 15.22
C ILE A 43 25.96 13.85 16.60
N ASN A 44 27.15 14.44 16.64
CA ASN A 44 27.98 14.55 17.86
C ASN A 44 29.05 15.62 17.64
N ASN A 45 29.04 16.65 18.49
CA ASN A 45 30.00 17.77 18.37
C ASN A 45 29.94 18.49 17.05
N HIS A 46 28.72 18.69 16.57
CA HIS A 46 28.50 19.37 15.30
C HIS A 46 29.13 18.63 14.13
N GLN A 47 29.17 17.31 14.22
CA GLN A 47 29.69 16.50 13.15
C GLN A 47 28.65 15.44 12.95
N ALA A 48 28.34 15.15 11.69
CA ALA A 48 27.31 14.20 11.34
C ALA A 48 27.79 12.98 10.58
N ALA A 49 27.09 11.86 10.76
CA ALA A 49 27.41 10.63 10.04
C ALA A 49 26.19 10.43 9.17
N LEU A 50 26.39 10.06 7.91
CA LEU A 50 25.26 9.82 7.04
C LEU A 50 25.25 8.31 6.77
N LEU A 51 24.18 7.65 7.18
CA LEU A 51 24.09 6.20 6.96
C LEU A 51 23.12 5.98 5.78
N ASP A 52 23.70 5.76 4.59
CA ASP A 52 22.99 5.58 3.31
C ASP A 52 22.71 6.97 2.71
N THR A 53 22.64 7.06 1.39
CA THR A 53 22.27 8.33 0.75
C THR A 53 20.99 8.06 -0.06
N PRO A 54 20.29 9.11 -0.47
CA PRO A 54 19.06 8.89 -1.27
C PRO A 54 19.55 8.33 -2.62
N ILE A 55 18.67 8.22 -3.62
CA ILE A 55 19.13 7.65 -4.89
C ILE A 55 20.01 8.52 -5.76
N ASN A 56 20.30 9.76 -5.35
CA ASN A 56 21.15 10.62 -6.17
C ASN A 56 21.83 11.81 -5.53
N ASP A 57 22.74 12.41 -6.29
CA ASP A 57 23.53 13.57 -5.89
C ASP A 57 22.72 14.80 -5.52
N ALA A 58 21.61 15.01 -6.23
CA ALA A 58 20.72 16.13 -5.98
C ALA A 58 20.10 16.02 -4.60
N GLN A 59 19.34 14.95 -4.37
CA GLN A 59 18.70 14.73 -3.08
C GLN A 59 19.72 14.66 -1.95
N THR A 60 20.90 14.10 -2.20
CA THR A 60 21.88 14.03 -1.14
C THR A 60 22.31 15.44 -0.75
N GLU A 61 22.64 16.28 -1.73
CA GLU A 61 23.06 17.65 -1.43
C GLU A 61 22.03 18.42 -0.60
N THR A 62 20.75 18.23 -0.89
CA THR A 62 19.68 18.90 -0.17
C THR A 62 19.66 18.46 1.30
N LEU A 63 19.85 17.16 1.53
CA LEU A 63 19.86 16.58 2.87
C LEU A 63 21.08 17.05 3.63
N VAL A 64 22.24 17.01 2.99
CA VAL A 64 23.49 17.43 3.60
C VAL A 64 23.51 18.92 3.93
N ASN A 65 22.79 19.74 3.15
CA ASN A 65 22.73 21.17 3.41
C ASN A 65 21.79 21.48 4.55
N TRP A 66 20.65 20.79 4.59
CA TRP A 66 19.69 21.02 5.66
C TRP A 66 20.32 20.67 6.99
N VAL A 67 21.18 19.65 7.00
CA VAL A 67 21.82 19.23 8.24
C VAL A 67 22.77 20.30 8.74
N ALA A 68 23.47 20.93 7.80
CA ALA A 68 24.41 21.99 8.11
C ALA A 68 23.67 23.22 8.58
N ASP A 69 22.61 23.55 7.83
CA ASP A 69 21.80 24.73 8.11
C ASP A 69 20.93 24.61 9.37
N SER A 70 20.09 23.59 9.40
CA SER A 70 19.17 23.36 10.51
C SER A 70 19.74 22.58 11.67
N LEU A 71 20.55 21.55 11.40
CA LEU A 71 21.10 20.77 12.48
C LEU A 71 22.47 21.23 12.96
N HIS A 72 23.03 22.25 12.30
CA HIS A 72 24.35 22.80 12.66
C HIS A 72 25.39 21.68 12.81
N ALA A 73 25.53 20.88 11.77
CA ALA A 73 26.48 19.79 11.80
C ALA A 73 26.94 19.50 10.40
N LYS A 74 28.24 19.29 10.28
CA LYS A 74 28.90 19.00 9.03
C LYS A 74 29.05 17.50 8.84
N VAL A 75 28.46 16.97 7.77
CA VAL A 75 28.56 15.53 7.46
C VAL A 75 30.04 15.25 7.18
N THR A 76 30.67 14.44 8.02
CA THR A 76 32.07 14.10 7.91
C THR A 76 32.27 12.62 7.67
N THR A 77 31.22 11.85 7.92
CA THR A 77 31.28 10.40 7.83
C THR A 77 30.11 9.82 7.04
N PHE A 78 30.34 8.66 6.46
CA PHE A 78 29.34 7.97 5.67
C PHE A 78 29.57 6.46 5.66
N ILE A 79 28.50 5.70 5.85
CA ILE A 79 28.54 4.23 5.83
C ILE A 79 27.29 3.72 5.05
N PRO A 80 27.48 2.97 3.94
CA PRO A 80 26.35 2.46 3.15
C PRO A 80 25.94 1.06 3.59
N ASN A 81 24.69 0.67 3.35
CA ASN A 81 24.20 -0.63 3.76
C ASN A 81 24.78 -1.67 2.83
N HIS A 82 24.65 -1.42 1.54
CA HIS A 82 25.16 -2.28 0.49
C HIS A 82 25.38 -1.41 -0.74
N TRP A 83 25.56 -2.02 -1.90
CA TRP A 83 25.85 -1.25 -3.11
C TRP A 83 24.72 -0.63 -3.89
N HIS A 84 23.49 -0.99 -3.55
CA HIS A 84 22.36 -0.41 -4.26
C HIS A 84 22.24 1.11 -4.17
N GLY A 85 21.70 1.72 -5.22
CA GLY A 85 21.54 3.17 -5.29
C GLY A 85 20.89 3.87 -4.11
N ASP A 86 19.94 3.21 -3.46
CA ASP A 86 19.28 3.77 -2.29
C ASP A 86 20.27 3.79 -1.12
N CYS A 87 21.54 3.49 -1.39
CA CYS A 87 22.59 3.49 -0.39
C CYS A 87 23.75 4.38 -0.78
N ILE A 88 24.27 4.23 -2.00
CA ILE A 88 25.39 5.06 -2.45
C ILE A 88 25.15 5.91 -3.67
N GLY A 89 23.88 6.09 -4.03
CA GLY A 89 23.54 6.89 -5.19
C GLY A 89 24.08 8.31 -5.15
N GLY A 90 24.23 8.85 -3.94
CA GLY A 90 24.71 10.20 -3.78
C GLY A 90 26.10 10.27 -3.18
N LEU A 91 26.84 9.15 -3.26
CA LEU A 91 28.18 9.08 -2.72
C LEU A 91 29.14 9.91 -3.54
N GLY A 92 28.82 10.09 -4.83
CA GLY A 92 29.64 10.90 -5.71
C GLY A 92 29.78 12.32 -5.20
N TYR A 93 28.66 12.92 -4.79
CA TYR A 93 28.64 14.28 -4.26
C TYR A 93 29.33 14.33 -2.89
N LEU A 94 29.10 13.32 -2.06
CA LEU A 94 29.66 13.28 -0.73
C LEU A 94 31.15 13.25 -0.86
N GLN A 95 31.64 12.52 -1.84
CA GLN A 95 33.09 12.43 -2.03
C GLN A 95 33.66 13.76 -2.47
N LYS A 96 32.86 14.55 -3.19
CA LYS A 96 33.31 15.87 -3.62
C LYS A 96 33.39 16.75 -2.39
N LYS A 97 32.46 16.55 -1.46
CA LYS A 97 32.45 17.33 -0.21
C LYS A 97 33.60 16.93 0.68
N GLY A 98 34.21 15.79 0.42
CA GLY A 98 35.32 15.34 1.23
C GLY A 98 34.95 14.41 2.37
N VAL A 99 33.74 13.82 2.27
CA VAL A 99 33.23 12.90 3.29
C VAL A 99 33.92 11.52 3.36
N GLN A 100 34.44 11.20 4.55
CA GLN A 100 35.11 9.93 4.77
C GLN A 100 34.10 8.82 4.81
N SER A 101 34.43 7.67 4.22
CA SER A 101 33.50 6.56 4.19
C SER A 101 34.05 5.22 4.62
N TYR A 102 33.17 4.39 5.17
CA TYR A 102 33.51 3.05 5.63
C TYR A 102 32.39 2.12 5.18
N ALA A 103 32.78 0.96 4.68
CA ALA A 103 31.81 -0.01 4.19
C ALA A 103 32.38 -1.40 4.15
N ASN A 104 31.49 -2.38 4.11
CA ASN A 104 31.89 -3.78 4.01
C ASN A 104 32.78 -3.84 2.75
N GLN A 105 33.92 -4.49 2.89
CA GLN A 105 34.84 -4.65 1.79
C GLN A 105 34.05 -5.14 0.58
N MET A 106 33.04 -5.98 0.83
CA MET A 106 32.19 -6.53 -0.22
C MET A 106 31.47 -5.44 -1.02
N THR A 107 31.06 -4.37 -0.33
CA THR A 107 30.38 -3.24 -0.96
C THR A 107 31.38 -2.48 -1.81
N ILE A 108 32.57 -2.29 -1.25
CA ILE A 108 33.61 -1.60 -1.97
C ILE A 108 33.91 -2.28 -3.30
N ASP A 109 34.00 -3.61 -3.29
CA ASP A 109 34.29 -4.41 -4.48
C ASP A 109 33.18 -4.44 -5.53
N LEU A 110 31.93 -4.53 -5.09
CA LEU A 110 30.80 -4.52 -6.01
C LEU A 110 30.70 -3.14 -6.68
N ALA A 111 30.80 -2.08 -5.88
CA ALA A 111 30.74 -0.72 -6.39
C ALA A 111 31.90 -0.51 -7.38
N LYS A 112 33.06 -1.10 -7.05
CA LYS A 112 34.27 -1.00 -7.88
C LYS A 112 34.11 -1.64 -9.26
N GLU A 113 33.75 -2.93 -9.26
CA GLU A 113 33.57 -3.69 -10.50
C GLU A 113 32.40 -3.20 -11.34
N LYS A 114 31.56 -2.34 -10.75
CA LYS A 114 30.42 -1.77 -11.47
C LYS A 114 30.64 -0.30 -11.87
N GLY A 115 31.84 0.20 -11.62
CA GLY A 115 32.11 1.58 -11.97
C GLY A 115 31.29 2.57 -11.18
N LEU A 116 30.78 2.14 -10.02
CA LEU A 116 29.97 3.00 -9.15
C LEU A 116 30.93 3.67 -8.18
N PRO A 117 30.45 4.67 -7.40
CA PRO A 117 31.30 5.38 -6.43
C PRO A 117 31.83 4.37 -5.42
N VAL A 118 33.12 4.43 -5.13
CA VAL A 118 33.72 3.47 -4.23
C VAL A 118 34.13 4.02 -2.86
N PRO A 119 33.49 3.51 -1.78
CA PRO A 119 33.80 3.94 -0.41
C PRO A 119 35.29 3.68 -0.15
N GLU A 120 35.87 4.45 0.76
CA GLU A 120 37.30 4.33 1.02
C GLU A 120 37.81 3.13 1.84
N HIS A 121 37.45 3.03 3.12
CA HIS A 121 37.94 1.95 3.97
C HIS A 121 36.99 0.77 4.01
N GLY A 122 37.53 -0.42 3.82
CA GLY A 122 36.70 -1.61 3.82
C GLY A 122 36.98 -2.57 4.97
N PHE A 123 35.92 -2.97 5.65
CA PHE A 123 36.00 -3.90 6.78
C PHE A 123 35.39 -5.21 6.37
N THR A 124 35.79 -6.31 7.00
CA THR A 124 35.23 -7.59 6.59
C THR A 124 34.30 -8.27 7.59
N ASP A 125 34.53 -8.05 8.88
CA ASP A 125 33.71 -8.68 9.91
C ASP A 125 32.87 -7.65 10.59
N SER A 126 33.51 -6.82 11.42
CA SER A 126 32.85 -5.74 12.14
C SER A 126 33.85 -4.59 12.29
N LEU A 127 33.32 -3.40 12.51
CA LEU A 127 34.15 -2.22 12.65
C LEU A 127 33.39 -1.20 13.47
N THR A 128 34.10 -0.40 14.24
CA THR A 128 33.46 0.65 15.00
C THR A 128 34.11 1.97 14.65
N VAL A 129 33.29 2.90 14.17
CA VAL A 129 33.75 4.21 13.81
C VAL A 129 33.42 5.17 14.95
N SER A 130 34.37 6.03 15.29
CA SER A 130 34.18 7.00 16.36
C SER A 130 33.80 8.34 15.75
N LEU A 131 32.52 8.70 15.83
CA LEU A 131 32.08 10.00 15.31
C LEU A 131 32.52 10.98 16.38
N ASP A 132 33.80 11.35 16.33
CA ASP A 132 34.39 12.25 17.30
C ASP A 132 33.98 11.87 18.72
N GLY A 133 33.90 10.57 18.98
CA GLY A 133 33.49 10.15 20.31
C GLY A 133 32.33 9.19 20.29
N MET A 134 31.33 9.47 19.47
CA MET A 134 30.16 8.61 19.39
C MET A 134 30.44 7.36 18.54
N PRO A 135 30.19 6.17 19.11
CA PRO A 135 30.42 4.91 18.39
C PRO A 135 29.31 4.51 17.44
N LEU A 136 29.70 4.21 16.21
CA LEU A 136 28.76 3.75 15.19
C LEU A 136 29.29 2.35 14.96
N GLN A 137 28.62 1.32 15.46
CA GLN A 137 29.14 -0.05 15.25
C GLN A 137 28.57 -0.75 14.01
N CYS A 138 29.44 -1.08 13.06
CA CYS A 138 29.05 -1.75 11.84
C CYS A 138 29.22 -3.25 12.01
N TYR A 139 28.33 -4.04 11.39
CA TYR A 139 28.37 -5.50 11.49
C TYR A 139 27.92 -6.19 10.19
N TYR A 140 28.73 -7.12 9.71
CA TYR A 140 28.39 -7.88 8.52
C TYR A 140 28.02 -9.21 9.07
N LEU A 141 26.75 -9.57 9.04
CA LEU A 141 26.29 -10.85 9.62
C LEU A 141 25.87 -11.93 8.61
N GLY A 142 26.13 -11.69 7.34
CA GLY A 142 25.78 -12.63 6.29
C GLY A 142 24.95 -11.97 5.19
N GLY A 143 24.80 -12.65 4.06
CA GLY A 143 24.01 -12.13 2.96
C GLY A 143 22.52 -12.03 3.31
N GLY A 144 21.83 -11.08 2.68
CA GLY A 144 20.42 -10.91 2.96
C GLY A 144 19.70 -10.40 1.76
N HIS A 145 19.35 -9.12 1.80
CA HIS A 145 18.67 -8.43 0.71
C HIS A 145 19.65 -8.36 -0.45
N ALA A 146 20.92 -8.17 -0.06
CA ALA A 146 22.05 -8.10 -0.97
C ALA A 146 23.11 -8.98 -0.33
N THR A 147 23.99 -9.51 -1.15
CA THR A 147 25.03 -10.36 -0.65
C THR A 147 25.85 -9.61 0.38
N ASP A 148 26.16 -8.35 0.08
CA ASP A 148 27.01 -7.54 0.96
C ASP A 148 26.41 -6.75 2.11
N ASN A 149 25.10 -6.82 2.30
CA ASN A 149 24.45 -6.02 3.35
C ASN A 149 24.97 -6.14 4.80
N ILE A 150 25.04 -4.98 5.45
CA ILE A 150 25.49 -4.90 6.82
C ILE A 150 24.40 -4.25 7.68
N VAL A 151 24.70 -4.04 8.96
CA VAL A 151 23.79 -3.34 9.88
C VAL A 151 24.68 -2.40 10.68
N VAL A 152 24.12 -1.25 11.05
CA VAL A 152 24.83 -0.25 11.84
C VAL A 152 24.07 -0.06 13.16
N TRP A 153 24.73 -0.42 14.26
CA TRP A 153 24.14 -0.32 15.58
C TRP A 153 24.71 0.86 16.34
N LEU A 154 23.83 1.64 16.96
CA LEU A 154 24.22 2.82 17.76
C LEU A 154 24.06 2.48 19.24
N PRO A 155 25.05 1.79 19.82
CA PRO A 155 25.05 1.37 21.21
C PRO A 155 24.59 2.41 22.21
N THR A 156 25.07 3.64 22.08
CA THR A 156 24.68 4.70 23.03
C THR A 156 23.20 5.10 22.98
N GLU A 157 22.56 4.86 21.85
CA GLU A 157 21.17 5.23 21.65
C GLU A 157 20.27 4.03 21.45
N ASN A 158 20.82 2.82 21.54
CA ASN A 158 20.05 1.60 21.35
C ASN A 158 19.24 1.64 20.06
N ILE A 159 19.84 2.13 18.98
CA ILE A 159 19.14 2.21 17.69
C ILE A 159 19.89 1.40 16.65
N LEU A 160 19.13 0.63 15.88
CA LEU A 160 19.65 -0.22 14.84
C LEU A 160 19.09 0.17 13.46
N PHE A 161 19.96 0.49 12.52
CA PHE A 161 19.51 0.80 11.19
C PHE A 161 19.77 -0.49 10.42
N GLY A 162 18.80 -1.39 10.38
CA GLY A 162 19.01 -2.66 9.71
C GLY A 162 19.15 -2.61 8.22
N GLY A 163 18.78 -1.50 7.62
CA GLY A 163 18.88 -1.41 6.18
C GLY A 163 17.78 -2.19 5.48
N SER A 164 17.88 -2.28 4.15
CA SER A 164 16.90 -2.98 3.33
C SER A 164 16.81 -4.47 3.57
N MET A 165 17.63 -5.04 4.46
CA MET A 165 17.47 -6.48 4.71
C MET A 165 16.23 -6.63 5.60
N LEU A 166 15.79 -5.49 6.17
CA LEU A 166 14.62 -5.41 7.04
C LEU A 166 13.45 -4.72 6.32
N LYS A 167 12.26 -5.30 6.53
CA LYS A 167 10.99 -4.83 5.98
C LYS A 167 10.20 -4.23 7.15
N ASP A 168 9.31 -3.31 6.85
CA ASP A 168 8.52 -2.71 7.89
C ASP A 168 7.32 -3.60 8.08
N ASN A 169 6.68 -3.45 9.24
CA ASN A 169 5.52 -4.21 9.62
C ASN A 169 4.33 -4.27 8.68
N GLN A 170 4.22 -3.32 7.77
CA GLN A 170 3.09 -3.33 6.84
C GLN A 170 3.48 -4.00 5.52
N ALA A 171 4.76 -4.33 5.39
CA ALA A 171 5.29 -4.98 4.20
C ALA A 171 4.76 -6.41 4.08
N THR A 172 4.57 -6.87 2.85
CA THR A 172 4.04 -8.21 2.59
C THR A 172 4.85 -8.99 1.58
N SER A 173 5.66 -8.31 0.77
CA SER A 173 6.45 -8.99 -0.25
C SER A 173 7.96 -8.95 0.01
N ILE A 174 8.66 -9.97 -0.48
CA ILE A 174 10.10 -10.05 -0.29
C ILE A 174 10.83 -8.92 -1.00
N GLY A 175 10.26 -8.43 -2.10
CA GLY A 175 10.87 -7.35 -2.85
C GLY A 175 11.96 -7.82 -3.80
N ASN A 176 12.77 -6.87 -4.29
CA ASN A 176 13.86 -7.17 -5.21
C ASN A 176 14.91 -8.14 -4.64
N ILE A 177 14.99 -9.30 -5.25
CA ILE A 177 15.91 -10.32 -4.83
C ILE A 177 16.94 -10.52 -5.94
N SER A 178 17.22 -9.46 -6.69
CA SER A 178 18.19 -9.53 -7.79
C SER A 178 19.57 -9.82 -7.29
N ASP A 179 19.91 -9.30 -6.12
CA ASP A 179 21.23 -9.51 -5.58
C ASP A 179 21.12 -10.01 -4.14
N ALA A 180 20.02 -10.69 -3.87
CA ALA A 180 19.77 -11.23 -2.56
C ALA A 180 20.26 -12.67 -2.45
N ASP A 181 20.44 -13.12 -1.21
CA ASP A 181 20.81 -14.51 -0.96
C ASP A 181 19.59 -14.98 -0.15
N VAL A 182 18.50 -15.32 -0.84
CA VAL A 182 17.25 -15.72 -0.18
C VAL A 182 17.38 -16.80 0.89
N THR A 183 18.20 -17.80 0.66
CA THR A 183 18.33 -18.86 1.65
C THR A 183 19.06 -18.46 2.92
N ALA A 184 20.03 -17.55 2.81
CA ALA A 184 20.81 -17.06 3.95
C ALA A 184 20.13 -15.88 4.66
N TRP A 185 19.17 -15.23 3.99
CA TRP A 185 18.44 -14.09 4.55
C TRP A 185 17.81 -14.37 5.91
N PRO A 186 17.09 -15.50 6.06
CA PRO A 186 16.48 -15.82 7.35
C PRO A 186 17.47 -16.19 8.44
N LYS A 187 18.67 -16.62 8.05
CA LYS A 187 19.73 -16.98 9.01
C LYS A 187 20.38 -15.70 9.53
N THR A 188 20.61 -14.73 8.63
CA THR A 188 21.17 -13.43 9.00
C THR A 188 20.21 -12.71 9.95
N LEU A 189 18.90 -12.79 9.65
CA LEU A 189 17.92 -12.13 10.51
C LEU A 189 17.97 -12.76 11.89
N ASP A 190 18.28 -14.04 11.94
CA ASP A 190 18.38 -14.71 13.23
C ASP A 190 19.55 -14.11 14.00
N LYS A 191 20.68 -13.92 13.31
CA LYS A 191 21.86 -13.35 13.95
C LYS A 191 21.62 -11.93 14.46
N VAL A 192 20.94 -11.13 13.65
CA VAL A 192 20.63 -9.75 14.00
C VAL A 192 19.72 -9.67 15.25
N LYS A 193 18.71 -10.52 15.32
CA LYS A 193 17.80 -10.50 16.46
C LYS A 193 18.55 -10.90 17.74
N ALA A 194 19.37 -11.95 17.62
CA ALA A 194 20.14 -12.49 18.73
C ALA A 194 21.30 -11.60 19.14
N LYS A 195 21.69 -10.67 18.28
CA LYS A 195 22.78 -9.78 18.62
C LYS A 195 22.30 -8.46 19.23
N PHE A 196 21.09 -8.01 18.86
CA PHE A 196 20.53 -6.75 19.35
C PHE A 196 19.12 -6.88 19.97
N PRO A 197 19.00 -7.46 21.18
CA PRO A 197 17.66 -7.57 21.74
C PRO A 197 17.25 -6.30 22.45
N SER A 198 18.25 -5.44 22.71
CA SER A 198 18.03 -4.17 23.39
C SER A 198 17.58 -3.04 22.48
N ALA A 199 17.33 -3.35 21.21
CA ALA A 199 16.94 -2.32 20.27
C ALA A 199 15.64 -1.60 20.59
N ARG A 200 15.80 -0.31 20.85
CA ARG A 200 14.71 0.58 21.16
C ARG A 200 14.01 0.76 19.83
N TYR A 201 14.74 1.30 18.87
CA TYR A 201 14.21 1.51 17.53
C TYR A 201 14.97 0.64 16.55
N VAL A 202 14.28 0.25 15.47
CA VAL A 202 14.85 -0.58 14.40
C VAL A 202 14.39 0.03 13.08
N VAL A 203 15.32 0.57 12.30
CA VAL A 203 14.98 1.24 11.06
C VAL A 203 15.27 0.39 9.82
N PRO A 204 14.23 0.17 8.97
CA PRO A 204 14.38 -0.63 7.74
C PRO A 204 14.83 0.19 6.51
N GLY A 205 15.16 -0.52 5.43
CA GLY A 205 15.61 0.14 4.23
C GLY A 205 14.56 1.02 3.59
N HIS A 206 13.31 0.56 3.62
CA HIS A 206 12.20 1.29 3.04
C HIS A 206 11.01 1.12 3.98
N GLY A 207 10.38 2.22 4.37
CA GLY A 207 9.23 2.10 5.25
C GLY A 207 9.33 2.57 6.69
N ASP A 208 8.21 2.47 7.38
CA ASP A 208 8.14 2.91 8.75
C ASP A 208 9.04 2.18 9.72
N TYR A 209 9.74 2.94 10.56
CA TYR A 209 10.59 2.32 11.58
C TYR A 209 9.68 1.77 12.68
N GLY A 210 10.29 1.05 13.61
CA GLY A 210 9.58 0.44 14.71
C GLY A 210 10.55 -0.14 15.72
N GLY A 211 10.30 -1.38 16.12
CA GLY A 211 11.16 -2.01 17.10
C GLY A 211 11.72 -3.26 16.52
N THR A 212 12.11 -4.21 17.37
CA THR A 212 12.68 -5.46 16.89
C THR A 212 11.72 -6.38 16.17
N GLU A 213 10.42 -6.12 16.28
CA GLU A 213 9.46 -6.99 15.60
C GLU A 213 9.65 -6.99 14.09
N LEU A 214 10.28 -5.95 13.54
CA LEU A 214 10.53 -5.86 12.11
C LEU A 214 11.39 -7.03 11.67
N ILE A 215 12.28 -7.44 12.56
CA ILE A 215 13.19 -8.55 12.31
C ILE A 215 12.43 -9.88 12.10
N GLU A 216 11.55 -10.22 13.05
CA GLU A 216 10.75 -11.44 12.97
C GLU A 216 9.77 -11.43 11.80
N HIS A 217 9.08 -10.30 11.61
CA HIS A 217 8.12 -10.16 10.52
C HIS A 217 8.80 -10.33 9.16
N THR A 218 9.98 -9.76 9.05
CA THR A 218 10.76 -9.82 7.82
C THR A 218 11.18 -11.25 7.64
N LYS A 219 11.54 -11.92 8.72
CA LYS A 219 11.93 -13.32 8.61
C LYS A 219 10.73 -14.13 8.13
N GLN A 220 9.55 -13.79 8.63
CA GLN A 220 8.32 -14.48 8.23
C GLN A 220 8.04 -14.28 6.76
N ILE A 221 8.23 -13.05 6.26
CA ILE A 221 8.01 -12.76 4.84
C ILE A 221 8.97 -13.57 3.96
N VAL A 222 10.27 -13.51 4.26
CA VAL A 222 11.24 -14.26 3.47
C VAL A 222 10.96 -15.75 3.49
N ASN A 223 10.82 -16.33 4.69
CA ASN A 223 10.55 -17.76 4.82
C ASN A 223 9.32 -18.22 4.04
N GLN A 224 8.31 -17.37 3.96
CA GLN A 224 7.11 -17.72 3.21
C GLN A 224 7.51 -17.70 1.73
N TYR A 225 8.44 -16.83 1.35
CA TYR A 225 8.90 -16.81 -0.03
C TYR A 225 9.57 -18.11 -0.35
N ILE A 226 10.46 -18.56 0.53
CA ILE A 226 11.19 -19.80 0.32
C ILE A 226 10.16 -20.91 0.19
N GLU A 227 9.17 -20.89 1.07
CA GLU A 227 8.15 -21.90 1.05
C GLU A 227 7.40 -21.89 -0.28
N SER A 228 7.03 -20.70 -0.74
CA SER A 228 6.27 -20.54 -1.98
C SER A 228 6.95 -20.90 -3.30
N THR A 229 8.28 -20.99 -3.33
CA THR A 229 8.96 -21.33 -4.58
C THR A 229 9.71 -22.64 -4.54
N SER A 230 9.44 -23.45 -3.52
CA SER A 230 10.07 -24.76 -3.36
C SER A 230 9.12 -25.81 -3.94
N LYS A 231 7.89 -25.79 -3.42
CA LYS A 231 6.78 -26.67 -3.77
C LYS A 231 6.70 -27.01 -5.26
N PRO A 232 6.16 -28.18 -5.60
CA PRO A 232 6.01 -28.65 -6.99
C PRO A 232 5.18 -27.72 -7.90
N SER B 4 -4.64 5.13 -12.57
CA SER B 4 -5.42 5.79 -11.53
C SER B 4 -5.13 7.28 -11.45
N VAL B 5 -6.20 8.05 -11.33
CA VAL B 5 -6.09 9.48 -11.20
C VAL B 5 -6.45 9.72 -9.76
N LYS B 6 -5.49 10.14 -8.96
CA LYS B 6 -5.78 10.40 -7.56
C LYS B 6 -6.63 11.67 -7.49
N ILE B 7 -7.73 11.59 -6.75
CA ILE B 7 -8.64 12.71 -6.59
C ILE B 7 -8.30 13.45 -5.28
N SER B 8 -7.90 12.68 -4.28
CA SER B 8 -7.53 13.21 -2.97
C SER B 8 -6.58 12.21 -2.34
N ASP B 9 -6.11 12.49 -1.12
CA ASP B 9 -5.20 11.57 -0.44
C ASP B 9 -5.79 10.16 -0.32
N ASP B 10 -7.10 10.05 -0.15
CA ASP B 10 -7.74 8.73 -0.02
C ASP B 10 -8.81 8.33 -1.03
N ILE B 11 -8.74 8.87 -2.23
CA ILE B 11 -9.69 8.53 -3.28
C ILE B 11 -9.00 8.63 -4.62
N SER B 12 -9.11 7.58 -5.40
CA SER B 12 -8.53 7.57 -6.73
C SER B 12 -9.63 6.97 -7.59
N ILE B 13 -9.63 7.29 -8.88
CA ILE B 13 -10.66 6.79 -9.78
C ILE B 13 -10.01 6.41 -11.10
N THR B 14 -10.32 5.20 -11.58
CA THR B 14 -9.79 4.64 -12.84
C THR B 14 -10.87 4.51 -13.89
N GLN B 15 -10.62 5.02 -15.11
CA GLN B 15 -11.61 4.91 -16.17
C GLN B 15 -11.66 3.48 -16.69
N LEU B 16 -12.87 3.02 -17.02
CA LEU B 16 -13.06 1.66 -17.53
C LEU B 16 -13.67 1.62 -18.91
N SER B 17 -14.18 2.76 -19.36
CA SER B 17 -14.79 2.90 -20.68
C SER B 17 -15.16 4.35 -20.84
N ASP B 18 -15.79 4.69 -21.95
CA ASP B 18 -16.12 6.09 -22.15
C ASP B 18 -17.06 6.64 -21.11
N LYS B 19 -18.03 5.82 -20.72
CA LYS B 19 -19.04 6.22 -19.76
C LYS B 19 -18.90 5.67 -18.36
N VAL B 20 -18.02 4.69 -18.18
CA VAL B 20 -17.86 4.05 -16.88
C VAL B 20 -16.50 4.23 -16.19
N TYR B 21 -16.54 4.60 -14.90
CA TYR B 21 -15.35 4.78 -14.06
C TYR B 21 -15.58 3.96 -12.81
N THR B 22 -14.51 3.58 -12.14
CA THR B 22 -14.64 2.83 -10.91
C THR B 22 -13.66 3.51 -9.99
N TYR B 23 -14.05 3.75 -8.75
CA TYR B 23 -13.16 4.41 -7.82
C TYR B 23 -12.74 3.52 -6.66
N VAL B 24 -11.87 4.06 -5.81
CA VAL B 24 -11.36 3.36 -4.64
C VAL B 24 -11.23 4.39 -3.55
N SER B 25 -11.95 4.22 -2.45
CA SER B 25 -11.83 5.16 -1.35
C SER B 25 -11.31 4.45 -0.09
N LEU B 26 -10.17 4.93 0.41
CA LEU B 26 -9.55 4.36 1.60
C LEU B 26 -10.07 5.05 2.85
N ALA B 27 -10.36 4.25 3.86
CA ALA B 27 -10.88 4.77 5.11
C ALA B 27 -10.39 3.90 6.27
N GLU B 28 -9.94 4.56 7.35
CA GLU B 28 -9.46 3.92 8.59
C GLU B 28 -10.61 3.26 9.36
N ILE B 29 -10.45 1.99 9.74
CA ILE B 29 -11.50 1.26 10.48
C ILE B 29 -11.17 0.96 11.94
N MET B 34 -6.51 1.25 7.34
CA MET B 34 -7.06 1.99 6.19
C MET B 34 -7.55 0.96 5.18
N VAL B 35 -8.88 0.79 5.13
CA VAL B 35 -9.54 -0.15 4.23
C VAL B 35 -10.11 0.49 2.97
N PRO B 36 -9.77 -0.09 1.80
CA PRO B 36 -10.20 0.36 0.49
C PRO B 36 -11.54 -0.26 0.08
N SER B 37 -12.37 0.53 -0.60
CA SER B 37 -13.66 0.03 -1.05
C SER B 37 -13.93 0.64 -2.39
N ASN B 38 -14.58 -0.12 -3.24
CA ASN B 38 -14.88 0.29 -4.62
C ASN B 38 -16.29 0.73 -4.91
N GLY B 39 -16.41 1.57 -5.94
CA GLY B 39 -17.69 2.06 -6.38
C GLY B 39 -17.57 2.39 -7.87
N MET B 40 -18.67 2.75 -8.51
CA MET B 40 -18.66 3.09 -9.93
C MET B 40 -19.19 4.50 -10.13
N ILE B 41 -18.84 5.07 -11.27
CA ILE B 41 -19.28 6.39 -11.71
C ILE B 41 -19.75 6.19 -13.16
N VAL B 42 -21.06 6.11 -13.36
CA VAL B 42 -21.61 5.92 -14.69
C VAL B 42 -22.13 7.28 -15.18
N ILE B 43 -21.64 7.72 -16.34
CA ILE B 43 -22.02 9.02 -16.87
C ILE B 43 -22.68 8.95 -18.22
N ASN B 44 -23.77 9.70 -18.37
CA ASN B 44 -24.50 9.77 -19.63
C ASN B 44 -25.16 11.13 -19.75
N ASN B 45 -24.89 11.80 -20.86
CA ASN B 45 -25.43 13.13 -21.15
C ASN B 45 -25.34 14.05 -19.95
N HIS B 46 -24.10 14.26 -19.49
CA HIS B 46 -23.80 15.13 -18.36
C HIS B 46 -24.50 14.74 -17.06
N GLN B 47 -24.81 13.45 -16.92
CA GLN B 47 -25.49 12.98 -15.73
C GLN B 47 -24.76 11.77 -15.19
N ALA B 48 -24.48 11.76 -13.91
CA ALA B 48 -23.77 10.65 -13.33
C ALA B 48 -24.60 9.89 -12.33
N ALA B 49 -24.42 8.59 -12.32
CA ALA B 49 -25.08 7.76 -11.36
C ALA B 49 -23.90 7.22 -10.57
N LEU B 50 -23.91 7.41 -9.26
CA LEU B 50 -22.84 6.90 -8.42
C LEU B 50 -23.32 5.56 -7.84
N LEU B 51 -22.62 4.47 -8.16
CA LEU B 51 -22.96 3.14 -7.60
C LEU B 51 -22.03 2.90 -6.40
N ASP B 52 -22.59 2.99 -5.18
CA ASP B 52 -21.88 2.84 -3.90
C ASP B 52 -21.22 4.14 -3.53
N THR B 53 -21.21 4.43 -2.23
CA THR B 53 -20.59 5.65 -1.70
C THR B 53 -19.36 5.31 -0.89
N PRO B 54 -18.51 6.32 -0.64
CA PRO B 54 -17.31 6.10 0.17
C PRO B 54 -17.82 5.87 1.59
N ILE B 55 -16.97 5.50 2.53
CA ILE B 55 -17.43 5.24 3.88
C ILE B 55 -18.13 6.39 4.60
N ASN B 56 -17.96 7.61 4.12
CA ASN B 56 -18.61 8.73 4.79
C ASN B 56 -18.97 9.90 3.91
N ASP B 57 -19.68 10.85 4.51
CA ASP B 57 -20.12 12.08 3.85
C ASP B 57 -18.98 12.85 3.18
N ALA B 58 -17.92 13.12 3.94
CA ALA B 58 -16.78 13.85 3.41
C ALA B 58 -16.26 13.29 2.10
N GLN B 59 -15.92 12.00 2.10
CA GLN B 59 -15.40 11.34 0.90
C GLN B 59 -16.43 11.33 -0.20
N THR B 60 -17.69 11.17 0.16
CA THR B 60 -18.73 11.16 -0.83
C THR B 60 -18.83 12.54 -1.46
N GLU B 61 -18.68 13.57 -0.64
CA GLU B 61 -18.77 14.92 -1.14
C GLU B 61 -17.63 15.21 -2.08
N THR B 62 -16.42 14.81 -1.68
CA THR B 62 -15.22 15.03 -2.48
C THR B 62 -15.43 14.38 -3.83
N LEU B 63 -15.83 13.12 -3.79
CA LEU B 63 -16.07 12.36 -4.99
C LEU B 63 -17.14 13.00 -5.86
N VAL B 64 -18.26 13.42 -5.27
CA VAL B 64 -19.29 14.03 -6.09
C VAL B 64 -18.80 15.34 -6.71
N ASN B 65 -18.10 16.15 -5.93
CA ASN B 65 -17.60 17.43 -6.43
C ASN B 65 -16.64 17.24 -7.59
N TRP B 66 -15.80 16.20 -7.51
CA TRP B 66 -14.84 15.92 -8.57
C TRP B 66 -15.55 15.59 -9.89
N VAL B 67 -16.34 14.53 -9.86
CA VAL B 67 -17.13 14.08 -10.99
C VAL B 67 -17.66 15.29 -11.76
N ALA B 68 -18.08 16.32 -11.04
CA ALA B 68 -18.61 17.50 -11.68
C ALA B 68 -17.55 18.38 -12.28
N ASP B 69 -16.58 18.77 -11.46
CA ASP B 69 -15.51 19.67 -11.91
C ASP B 69 -14.65 19.07 -13.02
N SER B 70 -14.27 17.82 -12.85
CA SER B 70 -13.42 17.14 -13.82
C SER B 70 -14.22 16.43 -14.88
N LEU B 71 -15.29 15.75 -14.49
CA LEU B 71 -16.06 15.05 -15.51
C LEU B 71 -17.22 15.85 -16.10
N HIS B 72 -17.48 17.03 -15.56
CA HIS B 72 -18.56 17.86 -16.04
C HIS B 72 -19.83 17.01 -16.16
N ALA B 73 -20.15 16.32 -15.07
CA ALA B 73 -21.33 15.46 -15.03
C ALA B 73 -22.00 15.68 -13.69
N LYS B 74 -23.32 15.56 -13.67
CA LYS B 74 -24.10 15.76 -12.46
C LYS B 74 -24.62 14.45 -11.85
N VAL B 75 -24.15 14.09 -10.65
CA VAL B 75 -24.63 12.86 -9.99
C VAL B 75 -26.10 13.07 -9.61
N THR B 76 -26.99 12.40 -10.36
CA THR B 76 -28.45 12.47 -10.16
C THR B 76 -29.06 11.12 -9.75
N THR B 77 -28.24 10.06 -9.75
CA THR B 77 -28.73 8.73 -9.41
C THR B 77 -27.74 8.02 -8.50
N PHE B 78 -28.24 7.14 -7.65
CA PHE B 78 -27.41 6.37 -6.73
C PHE B 78 -28.03 4.98 -6.51
N ILE B 79 -27.21 3.94 -6.46
CA ILE B 79 -27.68 2.57 -6.21
C ILE B 79 -26.63 1.87 -5.34
N PRO B 80 -26.99 1.47 -4.10
CA PRO B 80 -26.06 0.78 -3.20
C PRO B 80 -26.14 -0.74 -3.35
N ASN B 81 -24.98 -1.40 -3.34
CA ASN B 81 -24.92 -2.85 -3.52
C ASN B 81 -25.71 -3.58 -2.44
N HIS B 82 -25.53 -3.15 -1.20
CA HIS B 82 -26.23 -3.70 -0.06
C HIS B 82 -26.20 -2.64 1.03
N TRP B 83 -26.50 -3.02 2.26
CA TRP B 83 -26.57 -2.05 3.35
C TRP B 83 -25.32 -1.66 4.15
N HIS B 84 -24.16 -2.24 3.88
CA HIS B 84 -22.95 -1.91 4.65
C HIS B 84 -22.36 -0.54 4.37
N GLY B 85 -21.58 -0.05 5.33
CA GLY B 85 -20.97 1.27 5.23
C GLY B 85 -20.22 1.60 3.95
N ASP B 86 -19.64 0.58 3.32
CA ASP B 86 -18.91 0.79 2.07
C ASP B 86 -19.86 0.88 0.88
N CYS B 87 -21.15 0.98 1.18
CA CYS B 87 -22.17 1.08 0.17
C CYS B 87 -22.97 2.36 0.38
N ILE B 88 -23.50 2.56 1.58
CA ILE B 88 -24.31 3.77 1.84
C ILE B 88 -23.82 4.71 2.93
N GLY B 89 -22.54 4.63 3.31
CA GLY B 89 -22.04 5.51 4.34
C GLY B 89 -22.18 6.99 3.99
N GLY B 90 -22.21 7.29 2.69
CA GLY B 90 -22.35 8.66 2.25
C GLY B 90 -23.73 9.07 1.76
N LEU B 91 -24.72 8.21 1.97
CA LEU B 91 -26.09 8.49 1.51
C LEU B 91 -26.65 9.82 2.05
N GLY B 92 -26.46 10.10 3.32
CA GLY B 92 -26.97 11.35 3.89
C GLY B 92 -26.64 12.53 3.01
N TYR B 93 -25.38 12.61 2.60
CA TYR B 93 -24.94 13.71 1.74
C TYR B 93 -25.65 13.77 0.39
N LEU B 94 -25.77 12.63 -0.29
CA LEU B 94 -26.39 12.61 -1.60
C LEU B 94 -27.80 13.11 -1.47
N GLN B 95 -28.46 12.66 -0.40
CA GLN B 95 -29.83 13.03 -0.15
C GLN B 95 -29.90 14.47 0.25
N LYS B 96 -28.84 14.99 0.85
CA LYS B 96 -28.83 16.40 1.21
C LYS B 96 -28.60 17.14 -0.09
N LYS B 97 -28.11 16.42 -1.10
CA LYS B 97 -27.84 17.02 -2.39
C LYS B 97 -28.98 16.82 -3.36
N GLY B 98 -29.94 16.00 -2.97
CA GLY B 98 -31.10 15.77 -3.82
C GLY B 98 -30.95 14.62 -4.80
N VAL B 99 -30.04 13.71 -4.52
CA VAL B 99 -29.83 12.57 -5.37
C VAL B 99 -30.96 11.51 -5.22
N GLN B 100 -31.35 10.92 -6.36
CA GLN B 100 -32.40 9.90 -6.40
C GLN B 100 -31.82 8.55 -6.13
N SER B 101 -32.27 7.93 -5.04
CA SER B 101 -31.75 6.63 -4.65
C SER B 101 -32.66 5.45 -4.97
N TYR B 102 -32.08 4.43 -5.59
CA TYR B 102 -32.79 3.20 -5.94
C TYR B 102 -32.06 2.07 -5.26
N ALA B 103 -32.80 1.18 -4.62
CA ALA B 103 -32.18 0.07 -3.93
C ALA B 103 -33.10 -1.10 -3.80
N ASN B 104 -32.53 -2.23 -3.37
CA ASN B 104 -33.26 -3.47 -3.14
C ASN B 104 -34.14 -3.19 -1.93
N GLN B 105 -35.39 -3.61 -1.95
CA GLN B 105 -36.27 -3.36 -0.79
C GLN B 105 -35.61 -3.90 0.49
N MET B 106 -34.99 -5.09 0.39
CA MET B 106 -34.30 -5.69 1.53
C MET B 106 -33.30 -4.68 2.14
N THR B 107 -32.63 -3.92 1.26
CA THR B 107 -31.66 -2.92 1.70
C THR B 107 -32.36 -1.79 2.45
N ILE B 108 -33.53 -1.39 1.97
CA ILE B 108 -34.28 -0.30 2.60
C ILE B 108 -34.85 -0.71 3.94
N ASP B 109 -35.17 -2.00 4.08
CA ASP B 109 -35.71 -2.49 5.33
C ASP B 109 -34.61 -2.56 6.38
N LEU B 110 -33.43 -2.97 5.97
CA LEU B 110 -32.28 -3.06 6.87
C LEU B 110 -31.78 -1.69 7.29
N ALA B 111 -31.68 -0.77 6.34
CA ALA B 111 -31.24 0.58 6.67
C ALA B 111 -32.20 1.16 7.68
N LYS B 112 -33.49 0.89 7.52
CA LYS B 112 -34.50 1.43 8.45
C LYS B 112 -34.39 0.88 9.86
N GLU B 113 -34.45 -0.45 9.99
CA GLU B 113 -34.32 -1.12 11.28
C GLU B 113 -33.07 -0.58 11.99
N LYS B 114 -32.00 -0.47 11.24
CA LYS B 114 -30.72 -0.01 11.77
C LYS B 114 -30.56 1.50 11.94
N GLY B 115 -31.58 2.28 11.55
CA GLY B 115 -31.48 3.72 11.70
C GLY B 115 -30.38 4.30 10.83
N LEU B 116 -30.19 3.66 9.67
CA LEU B 116 -29.20 4.03 8.66
C LEU B 116 -29.86 4.85 7.56
N PRO B 117 -29.07 5.63 6.80
CA PRO B 117 -29.61 6.45 5.69
C PRO B 117 -30.48 5.55 4.82
N VAL B 118 -31.72 5.98 4.60
CA VAL B 118 -32.66 5.18 3.84
C VAL B 118 -32.89 5.57 2.37
N PRO B 119 -32.47 4.70 1.41
CA PRO B 119 -32.64 4.94 -0.04
C PRO B 119 -34.15 5.12 -0.29
N GLU B 120 -34.56 6.10 -1.08
CA GLU B 120 -36.00 6.31 -1.26
C GLU B 120 -36.85 5.38 -2.13
N HIS B 121 -36.31 4.89 -3.25
CA HIS B 121 -37.08 4.01 -4.14
C HIS B 121 -36.64 2.59 -3.95
N GLY B 122 -37.62 1.72 -3.73
CA GLY B 122 -37.33 0.31 -3.51
C GLY B 122 -37.83 -0.60 -4.60
N PHE B 123 -37.24 -1.78 -4.73
CA PHE B 123 -37.64 -2.74 -5.77
C PHE B 123 -37.34 -4.11 -5.27
N THR B 124 -37.84 -5.09 -6.02
CA THR B 124 -37.62 -6.51 -5.72
C THR B 124 -37.40 -7.24 -7.06
N ASP B 125 -36.64 -8.33 -7.00
CA ASP B 125 -36.28 -9.13 -8.14
C ASP B 125 -35.29 -8.31 -8.97
N SER B 126 -35.79 -7.36 -9.74
CA SER B 126 -34.92 -6.53 -10.58
C SER B 126 -35.60 -5.23 -11.03
N LEU B 127 -34.76 -4.25 -11.38
CA LEU B 127 -35.20 -2.94 -11.84
C LEU B 127 -34.16 -2.33 -12.75
N THR B 128 -34.63 -1.64 -13.79
CA THR B 128 -33.74 -0.97 -14.71
C THR B 128 -33.96 0.53 -14.53
N VAL B 129 -32.90 1.22 -14.15
CA VAL B 129 -32.98 2.66 -13.99
C VAL B 129 -32.36 3.28 -15.23
N SER B 130 -33.12 4.15 -15.88
CA SER B 130 -32.65 4.82 -17.09
C SER B 130 -31.91 6.13 -16.78
N LEU B 131 -30.60 6.13 -17.02
CA LEU B 131 -29.75 7.30 -16.83
C LEU B 131 -29.78 8.06 -18.17
N ASP B 132 -30.80 8.92 -18.31
CA ASP B 132 -31.04 9.72 -19.52
C ASP B 132 -30.85 8.88 -20.78
N GLY B 133 -31.15 7.59 -20.65
CA GLY B 133 -31.01 6.71 -21.78
C GLY B 133 -30.20 5.49 -21.49
N MET B 134 -29.16 5.61 -20.67
CA MET B 134 -28.32 4.46 -20.37
C MET B 134 -28.95 3.56 -19.33
N PRO B 135 -29.31 2.34 -19.71
CA PRO B 135 -29.92 1.46 -18.73
C PRO B 135 -28.92 1.09 -17.68
N LEU B 136 -29.41 0.89 -16.44
CA LEU B 136 -28.59 0.47 -15.29
C LEU B 136 -29.40 -0.67 -14.68
N GLN B 137 -29.14 -1.90 -15.12
CA GLN B 137 -29.90 -3.05 -14.65
C GLN B 137 -29.45 -3.59 -13.31
N CYS B 138 -30.34 -3.55 -12.32
CA CYS B 138 -30.12 -4.04 -10.94
C CYS B 138 -30.83 -5.38 -10.77
N TYR B 139 -30.14 -6.35 -10.17
CA TYR B 139 -30.66 -7.71 -9.96
C TYR B 139 -30.38 -8.27 -8.56
N TYR B 140 -31.36 -8.92 -7.95
CA TYR B 140 -31.06 -9.60 -6.69
C TYR B 140 -31.08 -11.04 -7.18
N LEU B 141 -29.95 -11.74 -7.10
CA LEU B 141 -29.88 -13.12 -7.61
C LEU B 141 -29.65 -14.17 -6.51
N GLY B 142 -29.80 -13.77 -5.26
CA GLY B 142 -29.59 -14.70 -4.16
C GLY B 142 -28.70 -14.09 -3.09
N GLY B 143 -28.54 -14.79 -1.98
CA GLY B 143 -27.71 -14.29 -0.91
C GLY B 143 -26.24 -14.57 -1.20
N GLY B 144 -25.38 -13.87 -0.48
CA GLY B 144 -23.96 -14.07 -0.67
C GLY B 144 -23.17 -13.48 0.48
N HIS B 145 -22.59 -12.32 0.24
CA HIS B 145 -21.81 -11.61 1.23
C HIS B 145 -22.74 -10.93 2.20
N ALA B 146 -23.81 -10.36 1.68
CA ALA B 146 -24.79 -9.70 2.53
C ALA B 146 -26.15 -10.23 2.10
N THR B 147 -27.11 -10.22 3.00
CA THR B 147 -28.48 -10.72 2.75
C THR B 147 -29.21 -10.04 1.60
N ASP B 148 -28.99 -8.75 1.48
CA ASP B 148 -29.60 -7.91 0.47
C ASP B 148 -28.69 -7.58 -0.70
N ASN B 149 -27.65 -8.39 -0.94
CA ASN B 149 -26.75 -8.07 -2.05
C ASN B 149 -27.26 -8.28 -3.50
N ILE B 150 -27.12 -7.21 -4.29
CA ILE B 150 -27.51 -7.17 -5.69
C ILE B 150 -26.24 -7.03 -6.55
N VAL B 151 -26.45 -6.87 -7.85
CA VAL B 151 -25.38 -6.65 -8.82
C VAL B 151 -25.94 -5.63 -9.80
N VAL B 152 -25.09 -4.81 -10.40
CA VAL B 152 -25.61 -3.84 -11.37
C VAL B 152 -24.92 -4.12 -12.70
N TRP B 153 -25.73 -4.55 -13.65
CA TRP B 153 -25.27 -4.86 -14.98
C TRP B 153 -25.48 -3.67 -15.91
N LEU B 154 -24.43 -3.25 -16.61
CA LEU B 154 -24.51 -2.14 -17.58
C LEU B 154 -24.40 -2.84 -18.95
N PRO B 155 -25.53 -3.17 -19.57
CA PRO B 155 -25.52 -3.85 -20.86
C PRO B 155 -24.84 -3.13 -22.04
N THR B 156 -24.97 -1.81 -22.12
CA THR B 156 -24.34 -1.07 -23.22
C THR B 156 -22.81 -1.02 -23.07
N GLU B 157 -22.31 -1.34 -21.88
CA GLU B 157 -20.88 -1.31 -21.60
C GLU B 157 -20.25 -2.67 -21.41
N ASN B 158 -21.06 -3.68 -21.17
CA ASN B 158 -20.54 -5.01 -20.90
C ASN B 158 -19.68 -4.90 -19.65
N ILE B 159 -20.25 -4.28 -18.62
CA ILE B 159 -19.55 -4.13 -17.36
C ILE B 159 -20.52 -4.51 -16.25
N LEU B 160 -19.99 -5.22 -15.25
CA LEU B 160 -20.78 -5.69 -14.13
C LEU B 160 -20.18 -5.24 -12.81
N PHE B 161 -20.94 -4.47 -12.03
CA PHE B 161 -20.44 -4.06 -10.71
C PHE B 161 -21.03 -5.10 -9.76
N GLY B 162 -20.22 -6.12 -9.47
CA GLY B 162 -20.68 -7.19 -8.62
C GLY B 162 -20.79 -6.83 -7.16
N GLY B 163 -19.95 -5.91 -6.71
CA GLY B 163 -19.99 -5.53 -5.31
C GLY B 163 -19.30 -6.55 -4.43
N SER B 164 -19.43 -6.39 -3.12
CA SER B 164 -18.77 -7.28 -2.16
C SER B 164 -19.03 -8.76 -2.28
N MET B 165 -20.04 -9.18 -3.04
CA MET B 165 -20.28 -10.61 -3.18
C MET B 165 -19.19 -11.19 -4.08
N LEU B 166 -18.44 -10.30 -4.72
CA LEU B 166 -17.31 -10.70 -5.59
C LEU B 166 -15.97 -10.24 -4.99
N LYS B 167 -15.03 -11.17 -4.97
CA LYS B 167 -13.67 -10.95 -4.45
C LYS B 167 -12.72 -10.78 -5.64
N ASP B 168 -11.64 -10.02 -5.48
CA ASP B 168 -10.66 -9.82 -6.55
C ASP B 168 -9.81 -11.06 -6.71
N ASN B 169 -9.03 -11.08 -7.78
CA ASN B 169 -8.18 -12.24 -8.05
C ASN B 169 -7.07 -12.51 -7.03
N GLN B 170 -6.61 -11.51 -6.30
CA GLN B 170 -5.54 -11.81 -5.35
C GLN B 170 -6.07 -12.13 -3.96
N ALA B 171 -7.38 -12.06 -3.81
CA ALA B 171 -8.02 -12.36 -2.54
C ALA B 171 -7.90 -13.86 -2.27
N THR B 172 -7.78 -14.23 -1.00
CA THR B 172 -7.73 -15.66 -0.60
C THR B 172 -8.63 -15.90 0.61
N SER B 173 -9.04 -14.81 1.26
CA SER B 173 -9.89 -14.86 2.45
C SER B 173 -11.36 -14.56 2.17
N ILE B 174 -12.27 -15.31 2.80
CA ILE B 174 -13.69 -15.08 2.58
C ILE B 174 -14.18 -13.75 3.12
N GLY B 175 -13.46 -13.19 4.10
CA GLY B 175 -13.84 -11.89 4.67
C GLY B 175 -14.98 -11.88 5.68
N ASN B 176 -15.41 -10.69 6.08
CA ASN B 176 -16.49 -10.50 7.03
C ASN B 176 -17.77 -11.17 6.60
N ILE B 177 -18.07 -12.29 7.25
CA ILE B 177 -19.26 -13.05 6.96
C ILE B 177 -20.36 -12.80 7.98
N SER B 178 -20.31 -11.64 8.64
CA SER B 178 -21.31 -11.32 9.66
C SER B 178 -22.75 -11.34 9.11
N ASP B 179 -22.94 -10.88 7.88
CA ASP B 179 -24.27 -10.87 7.27
C ASP B 179 -24.35 -11.73 6.02
N ALA B 180 -23.46 -12.72 5.90
CA ALA B 180 -23.39 -13.61 4.73
C ALA B 180 -24.19 -14.93 4.79
N ASP B 181 -24.50 -15.49 3.63
CA ASP B 181 -25.19 -16.77 3.56
C ASP B 181 -24.23 -17.67 2.82
N VAL B 182 -23.14 -17.93 3.49
CA VAL B 182 -22.06 -18.78 2.99
C VAL B 182 -22.52 -19.98 2.15
N THR B 183 -23.62 -20.62 2.55
CA THR B 183 -24.12 -21.79 1.83
C THR B 183 -24.83 -21.47 0.55
N ALA B 184 -25.38 -20.27 0.46
CA ALA B 184 -26.09 -19.83 -0.75
C ALA B 184 -25.22 -19.00 -1.69
N TRP B 185 -24.04 -18.61 -1.22
CA TRP B 185 -23.12 -17.79 -1.98
C TRP B 185 -22.63 -18.43 -3.28
N PRO B 186 -22.31 -19.73 -3.23
CA PRO B 186 -21.84 -20.41 -4.44
C PRO B 186 -22.87 -20.41 -5.57
N LYS B 187 -24.11 -20.74 -5.23
CA LYS B 187 -25.16 -20.76 -6.24
C LYS B 187 -25.35 -19.38 -6.84
N THR B 188 -25.44 -18.37 -5.99
CA THR B 188 -25.59 -17.02 -6.49
C THR B 188 -24.45 -16.68 -7.45
N LEU B 189 -23.26 -17.22 -7.19
CA LEU B 189 -22.14 -16.97 -8.08
C LEU B 189 -22.35 -17.73 -9.37
N ASP B 190 -22.99 -18.89 -9.27
CA ASP B 190 -23.26 -19.68 -10.45
C ASP B 190 -24.25 -18.90 -11.32
N LYS B 191 -25.22 -18.24 -10.67
CA LYS B 191 -26.24 -17.46 -11.35
C LYS B 191 -25.71 -16.15 -11.92
N VAL B 192 -24.65 -15.60 -11.31
CA VAL B 192 -24.06 -14.36 -11.81
C VAL B 192 -23.17 -14.65 -13.01
N LYS B 193 -22.52 -15.82 -12.97
CA LYS B 193 -21.64 -16.28 -14.05
C LYS B 193 -22.46 -16.51 -15.32
N ALA B 194 -23.54 -17.25 -15.15
CA ALA B 194 -24.46 -17.60 -16.23
C ALA B 194 -25.13 -16.41 -16.87
N LYS B 195 -25.57 -15.48 -16.01
CA LYS B 195 -26.30 -14.31 -16.46
C LYS B 195 -25.54 -13.33 -17.34
N PHE B 196 -24.29 -13.06 -17.02
CA PHE B 196 -23.54 -12.10 -17.82
C PHE B 196 -22.28 -12.75 -18.31
N PRO B 197 -22.40 -13.64 -19.30
CA PRO B 197 -21.23 -14.32 -19.83
C PRO B 197 -20.42 -13.40 -20.74
N SER B 198 -20.95 -12.22 -21.04
CA SER B 198 -20.25 -11.27 -21.91
C SER B 198 -19.52 -10.20 -21.12
N ALA B 199 -19.42 -10.36 -19.82
CA ALA B 199 -18.75 -9.34 -19.04
C ALA B 199 -17.37 -9.05 -19.60
N ARG B 200 -17.09 -7.76 -19.77
CA ARG B 200 -15.78 -7.26 -20.23
C ARG B 200 -14.98 -7.06 -18.95
N TYR B 201 -15.53 -6.22 -18.09
CA TYR B 201 -14.92 -5.90 -16.80
C TYR B 201 -15.88 -6.25 -15.67
N VAL B 202 -15.37 -6.94 -14.65
CA VAL B 202 -16.14 -7.36 -13.47
C VAL B 202 -15.48 -6.72 -12.27
N VAL B 203 -16.15 -5.77 -11.65
CA VAL B 203 -15.61 -5.04 -10.53
C VAL B 203 -16.15 -5.53 -9.20
N PRO B 204 -15.26 -5.87 -8.26
CA PRO B 204 -15.61 -6.36 -6.93
C PRO B 204 -15.74 -5.22 -5.92
N GLY B 205 -16.19 -5.58 -4.72
CA GLY B 205 -16.38 -4.58 -3.70
C GLY B 205 -15.10 -3.96 -3.20
N HIS B 206 -14.06 -4.78 -3.05
CA HIS B 206 -12.77 -4.31 -2.56
C HIS B 206 -11.73 -5.01 -3.41
N GLY B 207 -10.70 -4.28 -3.82
CA GLY B 207 -9.67 -4.93 -4.62
C GLY B 207 -9.74 -4.50 -6.05
N ASP B 208 -8.83 -5.01 -6.87
CA ASP B 208 -8.79 -4.64 -8.27
C ASP B 208 -9.78 -5.42 -9.11
N TYR B 209 -10.44 -4.69 -10.01
CA TYR B 209 -11.41 -5.28 -10.90
C TYR B 209 -10.66 -6.20 -11.86
N GLY B 210 -11.41 -6.97 -12.62
CA GLY B 210 -10.81 -7.89 -13.56
C GLY B 210 -11.90 -8.23 -14.52
N GLY B 211 -12.00 -9.49 -14.89
CA GLY B 211 -13.01 -9.94 -15.81
C GLY B 211 -13.81 -11.03 -15.12
N THR B 212 -14.53 -11.83 -15.90
CA THR B 212 -15.36 -12.91 -15.36
C THR B 212 -14.64 -13.95 -14.52
N GLU B 213 -13.30 -13.93 -14.52
CA GLU B 213 -12.53 -14.88 -13.74
C GLU B 213 -12.74 -14.65 -12.24
N LEU B 214 -13.11 -13.42 -11.87
CA LEU B 214 -13.39 -13.04 -10.48
C LEU B 214 -14.56 -13.86 -9.90
N ILE B 215 -15.52 -14.24 -10.75
CA ILE B 215 -16.65 -15.05 -10.33
C ILE B 215 -16.21 -16.45 -9.84
N GLU B 216 -15.56 -17.24 -10.70
CA GLU B 216 -15.11 -18.59 -10.32
C GLU B 216 -14.06 -18.56 -9.20
N HIS B 217 -13.34 -17.45 -9.10
CA HIS B 217 -12.35 -17.29 -8.05
C HIS B 217 -13.05 -17.08 -6.70
N THR B 218 -14.07 -16.22 -6.65
CA THR B 218 -14.81 -15.98 -5.40
C THR B 218 -15.44 -17.30 -5.00
N LYS B 219 -16.07 -17.97 -5.96
CA LYS B 219 -16.72 -19.25 -5.72
C LYS B 219 -15.72 -20.23 -5.15
N GLN B 220 -14.48 -20.19 -5.64
CA GLN B 220 -13.45 -21.07 -5.13
C GLN B 220 -13.21 -20.73 -3.68
N ILE B 221 -13.01 -19.43 -3.41
CA ILE B 221 -12.75 -18.95 -2.06
C ILE B 221 -13.88 -19.35 -1.08
N VAL B 222 -15.11 -19.40 -1.55
CA VAL B 222 -16.24 -19.73 -0.70
C VAL B 222 -16.37 -21.21 -0.48
N ASN B 223 -16.25 -22.00 -1.54
CA ASN B 223 -16.40 -23.45 -1.39
C ASN B 223 -15.35 -23.99 -0.44
N GLN B 224 -14.16 -23.43 -0.57
CA GLN B 224 -13.01 -23.80 0.27
C GLN B 224 -13.35 -23.43 1.72
N TYR B 225 -14.11 -22.36 1.93
CA TYR B 225 -14.49 -21.98 3.28
C TYR B 225 -15.40 -23.03 3.84
N ILE B 226 -16.44 -23.35 3.07
CA ILE B 226 -17.43 -24.32 3.45
C ILE B 226 -16.78 -25.66 3.74
N GLU B 227 -15.74 -25.97 2.97
CA GLU B 227 -14.99 -27.21 3.14
C GLU B 227 -14.06 -27.18 4.37
N SER B 228 -13.40 -26.04 4.61
CA SER B 228 -12.48 -25.88 5.73
C SER B 228 -13.17 -25.82 7.10
N THR B 229 -14.44 -25.48 7.13
CA THR B 229 -15.12 -25.40 8.40
C THR B 229 -16.22 -26.43 8.55
N SER B 230 -16.11 -27.52 7.80
CA SER B 230 -17.06 -28.62 7.88
C SER B 230 -16.09 -29.78 7.78
ZN ZN C . 19.04 -2.74 -2.10
NA NA D . 19.00 4.44 2.14
ZN ZN E . -20.45 -5.48 2.99
NA NA F . -18.17 0.29 -2.19
#